data_1AK5
#
_entry.id   1AK5
#
_cell.length_a   157.250
_cell.length_b   157.250
_cell.length_c   157.250
_cell.angle_alpha   90.00
_cell.angle_beta   90.00
_cell.angle_gamma   90.00
#
_symmetry.space_group_name_H-M   'P 4 3 2'
#
loop_
_entity.id
_entity.type
_entity.pdbx_description
1 polymer "INOSINE-5'-MONOPHOSPHATE DEHYDROGENASE"
2 non-polymer 'SULFATE ION'
3 water water
#
_entity_poly.entity_id   1
_entity_poly.type   'polypeptide(L)'
_entity_poly.pdbx_seq_one_letter_code
;MAKYYNEPCHTFNEYLLIPGLSTVDCIPSNVNLSTPLVKFQKGQQSEINLKIPLVSAIMQSVSGEKMAIALAREGGISFI
FGSQSIESQAAMVHAVKNFKAGFVVSDSNVKPDQTFADVLAISQRTTHNTVAVTDDGTPHGVLLGLVTQRDYPIDLTQTE
TKVSDMMTPFSKLVTAHQDTKLSEANKIIWEKKLNALPIIDDDQHLRYIVFRKDYDRSQVCHNELVDSQKRYLVGAGINT
RDFRERVPALVEAGADVLCIDSSDGFSEWQKITIGWIREKYGDKVKVGAGNIVDGEGFRYLADAGADFIKIGIGGGSICI
TREQKGIGRGQATAVIDVVAERNKYFEETGIYIPVCSDGGIVYDYHMTLALAMGADFIMLGRYFARFEESPTRKVTINGS
VMKEYWGEGSSRARNWQRYDLGGKQKLSFEEGVDSYVPYAGKLKDNVEASLNKVKSTMCNCGALTIPQLQSKAKITLVSS
VSIVEGGAHDVIVKDRINDYHPK
;
_entity_poly.pdbx_strand_id   A
#
# COMPACT_ATOMS: atom_id res chain seq x y z
N ALA A 2 32.21 -0.23 -9.57
CA ALA A 2 30.92 -0.71 -9.01
C ALA A 2 30.94 -0.38 -7.54
N LYS A 3 29.77 -0.33 -6.91
CA LYS A 3 29.63 -0.04 -5.49
C LYS A 3 29.06 -1.31 -4.91
N TYR A 4 29.72 -1.89 -3.92
CA TYR A 4 29.25 -3.13 -3.31
C TYR A 4 28.70 -2.94 -1.91
N TYR A 5 27.81 -3.84 -1.51
CA TYR A 5 27.19 -3.78 -0.19
C TYR A 5 27.60 -4.97 0.65
N ASN A 6 27.98 -4.70 1.90
CA ASN A 6 28.42 -5.72 2.85
C ASN A 6 27.38 -6.80 3.16
N GLU A 7 26.39 -6.46 3.97
CA GLU A 7 25.37 -7.43 4.35
C GLU A 7 24.45 -7.74 3.17
N PRO A 8 24.05 -9.00 3.03
CA PRO A 8 23.16 -9.37 1.93
C PRO A 8 21.75 -8.95 2.33
N CYS A 9 20.84 -8.83 1.37
CA CYS A 9 19.47 -8.46 1.72
C CYS A 9 18.66 -9.67 2.10
N HIS A 10 17.75 -9.47 3.04
CA HIS A 10 16.91 -10.53 3.58
C HIS A 10 15.44 -10.35 3.23
N THR A 11 14.72 -11.45 3.28
CA THR A 11 13.29 -11.45 3.00
C THR A 11 12.58 -11.44 4.34
N PHE A 12 11.26 -11.24 4.32
CA PHE A 12 10.45 -11.22 5.53
C PHE A 12 10.43 -12.55 6.27
N ASN A 13 10.80 -13.62 5.59
CA ASN A 13 10.82 -14.95 6.18
C ASN A 13 11.99 -15.20 7.12
N GLU A 14 12.99 -14.33 7.06
CA GLU A 14 14.18 -14.48 7.89
C GLU A 14 14.09 -13.67 9.18
N TYR A 15 12.91 -13.15 9.49
CA TYR A 15 12.74 -12.34 10.69
C TYR A 15 11.68 -12.85 11.65
N LEU A 16 11.83 -12.48 12.92
CA LEU A 16 10.89 -12.86 13.95
C LEU A 16 10.79 -11.73 14.94
N LEU A 17 9.59 -11.51 15.45
CA LEU A 17 9.36 -10.49 16.46
C LEU A 17 9.52 -11.20 17.81
N ILE A 18 10.31 -10.60 18.69
CA ILE A 18 10.52 -11.13 20.03
C ILE A 18 9.52 -10.36 20.88
N PRO A 19 8.73 -11.06 21.69
CA PRO A 19 7.73 -10.43 22.55
C PRO A 19 8.25 -9.36 23.52
N GLY A 20 7.38 -8.40 23.79
CA GLY A 20 7.69 -7.33 24.72
C GLY A 20 6.69 -7.50 25.85
N LEU A 21 6.63 -6.55 26.77
CA LEU A 21 5.68 -6.68 27.87
C LEU A 21 4.27 -6.31 27.46
N SER A 22 3.34 -7.24 27.68
CA SER A 22 1.92 -7.02 27.39
C SER A 22 1.23 -6.53 28.67
N THR A 23 0.55 -5.40 28.59
CA THR A 23 -0.18 -4.85 29.72
C THR A 23 -1.58 -5.42 29.69
N VAL A 24 -2.30 -5.34 30.81
CA VAL A 24 -3.67 -5.87 30.87
C VAL A 24 -4.61 -5.16 29.90
N ASP A 25 -4.29 -3.91 29.56
CA ASP A 25 -5.10 -3.11 28.65
C ASP A 25 -4.86 -3.36 27.17
N CYS A 26 -3.95 -4.27 26.83
CA CYS A 26 -3.69 -4.56 25.42
C CYS A 26 -4.48 -5.79 25.01
N ILE A 27 -5.62 -5.55 24.36
CA ILE A 27 -6.48 -6.61 23.85
C ILE A 27 -6.76 -6.19 22.41
N PRO A 28 -6.86 -7.16 21.49
CA PRO A 28 -7.12 -6.87 20.08
C PRO A 28 -8.15 -5.77 19.83
N SER A 29 -9.25 -5.81 20.56
CA SER A 29 -10.30 -4.81 20.43
C SER A 29 -9.84 -3.38 20.70
N ASN A 30 -8.78 -3.22 21.49
CA ASN A 30 -8.25 -1.91 21.82
C ASN A 30 -7.18 -1.39 20.85
N VAL A 31 -6.71 -2.24 19.93
CA VAL A 31 -5.68 -1.84 18.98
C VAL A 31 -6.22 -0.94 17.88
N ASN A 32 -5.51 0.15 17.64
CA ASN A 32 -5.89 1.13 16.62
C ASN A 32 -4.96 0.97 15.41
N LEU A 33 -5.55 0.68 14.26
CA LEU A 33 -4.77 0.47 13.05
C LEU A 33 -4.75 1.61 12.03
N SER A 34 -5.05 2.83 12.47
CA SER A 34 -5.03 3.98 11.55
C SER A 34 -3.61 4.33 11.18
N THR A 35 -3.41 4.77 9.93
CA THR A 35 -2.12 5.21 9.43
C THR A 35 -2.28 6.34 8.45
N PRO A 36 -1.26 7.20 8.35
CA PRO A 36 -1.33 8.32 7.40
C PRO A 36 -1.06 7.81 5.99
N LEU A 37 -1.80 8.33 5.02
CA LEU A 37 -1.60 7.95 3.63
C LEU A 37 -0.72 8.96 2.88
N VAL A 38 -0.84 10.24 3.22
CA VAL A 38 -0.08 11.29 2.55
C VAL A 38 0.77 12.14 3.50
N LYS A 39 1.85 12.70 2.97
CA LYS A 39 2.78 13.50 3.75
C LYS A 39 2.18 14.73 4.43
N PHE A 40 2.79 15.08 5.56
CA PHE A 40 2.37 16.22 6.37
C PHE A 40 3.61 16.65 7.13
N GLN A 41 3.56 17.83 7.73
CA GLN A 41 4.71 18.30 8.48
C GLN A 41 4.53 18.21 9.97
N LYS A 42 5.64 18.33 10.69
CA LYS A 42 5.65 18.26 12.14
C LYS A 42 4.61 19.17 12.78
N GLY A 43 3.77 18.56 13.63
CA GLY A 43 2.73 19.30 14.30
C GLY A 43 1.36 19.14 13.67
N GLN A 44 1.31 18.47 12.52
CA GLN A 44 0.04 18.27 11.84
C GLN A 44 -0.30 16.80 11.66
N GLN A 45 -1.53 16.54 11.24
CA GLN A 45 -2.03 15.20 10.98
C GLN A 45 -2.08 15.09 9.47
N SER A 46 -2.06 13.87 8.94
CA SER A 46 -2.14 13.70 7.52
C SER A 46 -3.56 14.07 7.11
N GLU A 47 -3.70 14.65 5.92
CA GLU A 47 -5.02 15.01 5.42
C GLU A 47 -5.85 13.76 5.22
N ILE A 48 -5.19 12.65 4.93
CA ILE A 48 -5.87 11.38 4.72
C ILE A 48 -5.24 10.31 5.60
N ASN A 49 -6.06 9.67 6.41
CA ASN A 49 -5.58 8.62 7.29
C ASN A 49 -6.43 7.38 7.00
N LEU A 50 -5.78 6.24 6.83
CA LEU A 50 -6.48 4.98 6.57
C LEU A 50 -6.92 4.40 7.91
N LYS A 51 -8.01 3.65 7.92
CA LYS A 51 -8.46 3.03 9.16
C LYS A 51 -7.77 1.68 9.36
N ILE A 52 -7.35 1.08 8.24
CA ILE A 52 -6.62 -0.20 8.26
C ILE A 52 -5.43 0.02 7.32
N PRO A 53 -4.25 -0.55 7.65
CA PRO A 53 -3.07 -0.36 6.81
C PRO A 53 -2.97 -1.18 5.53
N LEU A 54 -4.10 -1.52 4.92
CA LEU A 54 -4.07 -2.32 3.70
C LEU A 54 -4.62 -1.56 2.50
N VAL A 55 -3.93 -1.63 1.37
CA VAL A 55 -4.37 -1.00 0.12
C VAL A 55 -4.21 -2.04 -1.00
N SER A 56 -5.12 -2.04 -1.96
CA SER A 56 -5.05 -3.01 -3.05
C SER A 56 -4.18 -2.53 -4.21
N ALA A 57 -3.46 -3.47 -4.82
CA ALA A 57 -2.56 -3.19 -5.93
C ALA A 57 -3.21 -2.56 -7.16
N ILE A 58 -2.39 -1.83 -7.92
CA ILE A 58 -2.86 -1.16 -9.12
C ILE A 58 -2.83 -2.20 -10.25
N MET A 59 -3.74 -3.16 -10.20
CA MET A 59 -3.77 -4.21 -11.20
C MET A 59 -5.16 -4.48 -11.77
N GLN A 60 -5.18 -5.04 -12.98
CA GLN A 60 -6.43 -5.35 -13.67
C GLN A 60 -7.20 -6.46 -12.98
N SER A 61 -6.47 -7.44 -12.45
CA SER A 61 -7.06 -8.58 -11.77
C SER A 61 -7.43 -8.35 -10.30
N VAL A 62 -7.20 -7.13 -9.81
CA VAL A 62 -7.53 -6.84 -8.41
C VAL A 62 -8.27 -5.53 -8.11
N SER A 63 -7.82 -4.40 -8.64
CA SER A 63 -8.46 -3.13 -8.31
C SER A 63 -9.51 -2.58 -9.26
N GLY A 64 -10.74 -3.06 -9.06
CA GLY A 64 -11.87 -2.62 -9.87
C GLY A 64 -12.81 -1.83 -8.97
N GLU A 65 -13.98 -1.48 -9.49
CA GLU A 65 -14.92 -0.71 -8.68
C GLU A 65 -15.54 -1.48 -7.53
N LYS A 66 -15.81 -2.77 -7.73
CA LYS A 66 -16.37 -3.55 -6.63
C LYS A 66 -15.38 -3.71 -5.50
N MET A 67 -14.10 -3.92 -5.85
CA MET A 67 -13.03 -4.06 -4.87
C MET A 67 -12.85 -2.74 -4.12
N ALA A 68 -12.85 -1.64 -4.85
CA ALA A 68 -12.68 -0.31 -4.27
C ALA A 68 -13.74 0.00 -3.22
N ILE A 69 -14.99 -0.35 -3.51
CA ILE A 69 -16.09 -0.10 -2.59
C ILE A 69 -15.99 -0.98 -1.36
N ALA A 70 -15.72 -2.27 -1.57
CA ALA A 70 -15.58 -3.24 -0.49
C ALA A 70 -14.42 -2.96 0.45
N LEU A 71 -13.30 -2.49 -0.11
CA LEU A 71 -12.13 -2.16 0.69
C LEU A 71 -12.33 -0.85 1.45
N ALA A 72 -12.88 0.16 0.79
CA ALA A 72 -13.11 1.43 1.44
C ALA A 72 -14.05 1.24 2.62
N ARG A 73 -15.01 0.33 2.49
CA ARG A 73 -15.96 0.05 3.57
C ARG A 73 -15.31 -0.49 4.85
N GLU A 74 -14.16 -1.16 4.69
CA GLU A 74 -13.45 -1.73 5.82
C GLU A 74 -12.39 -0.80 6.36
N GLY A 75 -12.15 0.30 5.65
CA GLY A 75 -11.16 1.27 6.11
C GLY A 75 -9.91 1.41 5.26
N GLY A 76 -9.80 0.63 4.18
CA GLY A 76 -8.63 0.71 3.32
C GLY A 76 -8.96 1.49 2.04
N ILE A 77 -8.08 1.43 1.05
CA ILE A 77 -8.33 2.15 -0.20
C ILE A 77 -7.76 1.37 -1.39
N SER A 78 -8.41 1.48 -2.54
CA SER A 78 -7.96 0.79 -3.74
C SER A 78 -7.48 1.81 -4.75
N PHE A 79 -6.53 1.39 -5.59
CA PHE A 79 -6.01 2.25 -6.63
C PHE A 79 -6.44 1.65 -7.97
N ILE A 80 -7.58 2.11 -8.49
CA ILE A 80 -8.12 1.61 -9.76
C ILE A 80 -6.98 1.56 -10.78
N PHE A 81 -6.86 0.44 -11.49
CA PHE A 81 -5.80 0.28 -12.48
C PHE A 81 -5.85 1.28 -13.63
N GLY A 82 -4.69 1.75 -14.04
CA GLY A 82 -4.61 2.72 -15.12
C GLY A 82 -4.25 2.04 -16.45
N SER A 83 -4.22 0.72 -16.44
CA SER A 83 -3.90 -0.03 -17.66
C SER A 83 -5.17 -0.27 -18.45
N GLN A 84 -5.89 0.81 -18.72
CA GLN A 84 -7.14 0.81 -19.47
C GLN A 84 -7.26 2.21 -20.03
N SER A 85 -8.31 2.49 -20.78
CA SER A 85 -8.45 3.83 -21.35
C SER A 85 -8.71 4.85 -20.25
N ILE A 86 -8.41 6.11 -20.55
CA ILE A 86 -8.61 7.20 -19.60
C ILE A 86 -10.10 7.33 -19.30
N GLU A 87 -10.93 7.06 -20.30
CA GLU A 87 -12.37 7.16 -20.15
C GLU A 87 -12.93 6.08 -19.23
N SER A 88 -12.41 4.87 -19.36
CA SER A 88 -12.85 3.73 -18.54
C SER A 88 -12.45 3.92 -17.08
N GLN A 89 -11.19 4.27 -16.86
CA GLN A 89 -10.69 4.48 -15.52
C GLN A 89 -11.44 5.59 -14.80
N ALA A 90 -11.69 6.70 -15.50
CA ALA A 90 -12.42 7.82 -14.91
C ALA A 90 -13.84 7.40 -14.57
N ALA A 91 -14.43 6.57 -15.42
CA ALA A 91 -15.78 6.08 -15.21
C ALA A 91 -15.82 5.25 -13.93
N MET A 92 -14.82 4.39 -13.76
CA MET A 92 -14.72 3.55 -12.57
C MET A 92 -14.55 4.40 -11.32
N VAL A 93 -13.73 5.46 -11.41
CA VAL A 93 -13.51 6.34 -10.27
C VAL A 93 -14.83 6.99 -9.91
N HIS A 94 -15.54 7.48 -10.93
CA HIS A 94 -16.82 8.14 -10.74
C HIS A 94 -17.84 7.20 -10.12
N ALA A 95 -17.82 5.95 -10.56
CA ALA A 95 -18.74 4.94 -10.05
C ALA A 95 -18.59 4.74 -8.54
N VAL A 96 -17.34 4.68 -8.05
CA VAL A 96 -17.09 4.50 -6.63
C VAL A 96 -17.50 5.74 -5.84
N LYS A 97 -17.11 6.91 -6.32
CA LYS A 97 -17.44 8.17 -5.65
C LYS A 97 -18.93 8.39 -5.49
N ASN A 98 -19.70 8.06 -6.52
CA ASN A 98 -21.14 8.24 -6.51
C ASN A 98 -21.95 6.99 -6.21
N PHE A 99 -21.32 5.98 -5.62
CA PHE A 99 -22.01 4.73 -5.31
C PHE A 99 -23.19 4.91 -4.36
N LYS A 100 -23.01 5.71 -3.32
CA LYS A 100 -24.05 5.94 -2.33
C LYS A 100 -25.24 6.76 -2.82
N ALA A 101 -26.20 6.09 -3.46
CA ALA A 101 -27.45 6.64 -4.01
C ALA A 101 -27.64 6.24 -5.47
N HIS A 222 -18.59 0.73 11.70
CA HIS A 222 -18.09 0.62 10.30
C HIS A 222 -16.86 1.52 10.22
N ASN A 223 -15.76 1.00 9.68
CA ASN A 223 -14.54 1.79 9.56
C ASN A 223 -14.45 2.30 8.13
N GLU A 224 -15.60 2.65 7.57
CA GLU A 224 -15.62 3.13 6.20
C GLU A 224 -14.70 4.34 6.02
N LEU A 225 -13.90 4.30 4.97
CA LEU A 225 -12.98 5.39 4.64
C LEU A 225 -13.84 6.22 3.71
N VAL A 226 -14.29 7.36 4.24
CA VAL A 226 -15.20 8.23 3.53
C VAL A 226 -14.70 9.66 3.57
N ASP A 227 -15.14 10.49 2.63
CA ASP A 227 -14.74 11.90 2.58
C ASP A 227 -15.76 12.83 3.23
N SER A 228 -15.57 14.12 3.02
CA SER A 228 -16.45 15.16 3.55
C SER A 228 -17.91 14.91 3.17
N GLN A 229 -18.16 14.61 1.89
CA GLN A 229 -19.52 14.34 1.45
C GLN A 229 -19.94 12.90 1.75
N LYS A 230 -19.23 12.25 2.65
CA LYS A 230 -19.54 10.88 3.03
C LYS A 230 -19.48 9.90 1.86
N ARG A 231 -18.64 10.18 0.88
CA ARG A 231 -18.48 9.29 -0.26
C ARG A 231 -17.21 8.46 -0.02
N TYR A 232 -17.21 7.22 -0.49
CA TYR A 232 -16.05 6.34 -0.34
C TYR A 232 -14.83 6.95 -1.02
N LEU A 233 -13.66 6.75 -0.42
CA LEU A 233 -12.41 7.24 -0.97
C LEU A 233 -11.85 6.27 -2.02
N VAL A 234 -11.23 6.82 -3.07
CA VAL A 234 -10.61 6.01 -4.13
C VAL A 234 -9.35 6.65 -4.68
N GLY A 235 -8.41 5.78 -5.06
CA GLY A 235 -7.16 6.21 -5.65
C GLY A 235 -7.14 5.69 -7.07
N ALA A 236 -6.24 6.19 -7.88
CA ALA A 236 -6.16 5.73 -9.25
C ALA A 236 -4.71 5.67 -9.65
N GLY A 237 -4.35 4.68 -10.46
CA GLY A 237 -2.99 4.56 -10.91
C GLY A 237 -2.81 5.41 -12.14
N ILE A 238 -1.63 6.00 -12.30
CA ILE A 238 -1.34 6.81 -13.46
C ILE A 238 0.06 6.43 -13.95
N ASN A 239 0.35 6.76 -15.20
CA ASN A 239 1.66 6.45 -15.77
C ASN A 239 2.39 7.74 -16.10
N THR A 240 3.64 7.62 -16.49
CA THR A 240 4.47 8.78 -16.82
C THR A 240 4.38 9.24 -18.28
N ARG A 241 3.36 8.77 -19.01
CA ARG A 241 3.18 9.12 -20.42
C ARG A 241 1.99 10.01 -20.70
N ASP A 242 0.79 9.48 -20.49
CA ASP A 242 -0.41 10.25 -20.76
C ASP A 242 -0.98 11.03 -19.59
N PHE A 243 -0.14 11.34 -18.60
CA PHE A 243 -0.60 12.07 -17.42
C PHE A 243 -1.29 13.40 -17.73
N ARG A 244 -0.84 14.08 -18.78
CA ARG A 244 -1.42 15.36 -19.16
C ARG A 244 -2.90 15.26 -19.49
N GLU A 245 -3.29 14.17 -20.13
CA GLU A 245 -4.68 13.95 -20.49
C GLU A 245 -5.43 13.19 -19.40
N ARG A 246 -4.72 12.23 -18.79
CA ARG A 246 -5.26 11.36 -17.76
C ARG A 246 -5.51 11.97 -16.37
N VAL A 247 -4.54 12.73 -15.85
CA VAL A 247 -4.70 13.34 -14.54
C VAL A 247 -5.97 14.19 -14.44
N PRO A 248 -6.15 15.16 -15.36
CA PRO A 248 -7.35 16.00 -15.31
C PRO A 248 -8.65 15.20 -15.27
N ALA A 249 -8.73 14.15 -16.08
CA ALA A 249 -9.92 13.30 -16.13
C ALA A 249 -10.18 12.62 -14.80
N LEU A 250 -9.11 12.11 -14.17
CA LEU A 250 -9.21 11.43 -12.88
C LEU A 250 -9.61 12.40 -11.79
N VAL A 251 -9.01 13.59 -11.80
CA VAL A 251 -9.32 14.62 -10.83
C VAL A 251 -10.79 15.00 -10.96
N GLU A 252 -11.22 15.31 -12.19
CA GLU A 252 -12.62 15.65 -12.46
C GLU A 252 -13.57 14.55 -12.01
N ALA A 253 -13.19 13.29 -12.24
CA ALA A 253 -14.01 12.15 -11.87
C ALA A 253 -14.18 11.99 -10.36
N GLY A 254 -13.27 12.60 -9.59
CA GLY A 254 -13.35 12.52 -8.14
C GLY A 254 -12.28 11.71 -7.43
N ALA A 255 -11.21 11.34 -8.14
CA ALA A 255 -10.13 10.56 -7.54
C ALA A 255 -9.59 11.28 -6.32
N ASP A 256 -9.45 10.56 -5.21
CA ASP A 256 -8.93 11.16 -3.97
C ASP A 256 -7.40 11.15 -3.90
N VAL A 257 -6.78 10.11 -4.46
CA VAL A 257 -5.32 10.00 -4.46
C VAL A 257 -4.92 9.38 -5.77
N LEU A 258 -3.71 9.68 -6.21
CA LEU A 258 -3.17 9.15 -7.45
C LEU A 258 -1.86 8.46 -7.09
N CYS A 259 -1.44 7.50 -7.89
CA CYS A 259 -0.17 6.83 -7.66
C CYS A 259 0.48 6.47 -8.98
N ILE A 260 1.73 6.90 -9.17
CA ILE A 260 2.45 6.57 -10.39
C ILE A 260 2.81 5.09 -10.32
N ASP A 261 2.28 4.34 -11.27
CA ASP A 261 2.50 2.89 -11.38
C ASP A 261 3.79 2.61 -12.16
N SER A 262 4.78 2.02 -11.50
CA SER A 262 6.06 1.71 -12.14
C SER A 262 6.87 0.77 -11.26
N SER A 263 7.63 -0.16 -11.85
CA SER A 263 8.44 -1.10 -11.06
C SER A 263 9.78 -0.49 -10.64
N ASP A 264 10.18 0.56 -11.34
CA ASP A 264 11.41 1.28 -11.04
C ASP A 264 11.08 2.74 -11.20
N GLY A 265 10.82 3.40 -10.08
CA GLY A 265 10.48 4.79 -10.09
C GLY A 265 11.65 5.72 -9.87
N PHE A 266 12.87 5.19 -9.89
CA PHE A 266 14.05 6.03 -9.69
C PHE A 266 14.43 6.60 -11.05
N SER A 267 13.59 7.51 -11.57
CA SER A 267 13.85 8.09 -12.87
C SER A 267 13.33 9.50 -13.01
N GLU A 268 13.86 10.21 -14.00
CA GLU A 268 13.47 11.57 -14.32
C GLU A 268 11.99 11.63 -14.63
N TRP A 269 11.48 10.60 -15.30
CA TRP A 269 10.07 10.54 -15.67
C TRP A 269 9.10 10.75 -14.51
N GLN A 270 9.44 10.25 -13.33
CA GLN A 270 8.58 10.42 -12.16
C GLN A 270 8.63 11.87 -11.71
N LYS A 271 9.83 12.43 -11.68
CA LYS A 271 10.04 13.81 -11.28
C LYS A 271 9.23 14.77 -12.17
N ILE A 272 9.31 14.52 -13.47
CA ILE A 272 8.59 15.31 -14.46
C ILE A 272 7.07 15.24 -14.25
N THR A 273 6.54 14.03 -14.09
CA THR A 273 5.11 13.84 -13.89
C THR A 273 4.59 14.54 -12.63
N ILE A 274 5.32 14.39 -11.52
CA ILE A 274 4.94 15.01 -10.26
C ILE A 274 5.03 16.52 -10.43
N GLY A 275 6.10 16.97 -11.08
CA GLY A 275 6.29 18.39 -11.31
C GLY A 275 5.14 19.03 -12.06
N TRP A 276 4.68 18.38 -13.12
CA TRP A 276 3.57 18.89 -13.92
C TRP A 276 2.36 19.04 -13.03
N ILE A 277 2.09 18.01 -12.23
CA ILE A 277 0.96 18.01 -11.32
C ILE A 277 1.02 19.14 -10.29
N ARG A 278 2.20 19.36 -9.73
CA ARG A 278 2.36 20.42 -8.75
C ARG A 278 2.19 21.80 -9.39
N GLU A 279 2.64 21.93 -10.62
CA GLU A 279 2.54 23.19 -11.35
C GLU A 279 1.10 23.49 -11.70
N LYS A 280 0.38 22.46 -12.10
CA LYS A 280 -1.01 22.60 -12.49
C LYS A 280 -1.97 22.65 -11.29
N TYR A 281 -1.72 21.85 -10.25
CA TYR A 281 -2.62 21.79 -9.09
C TYR A 281 -2.04 22.12 -7.73
N GLY A 282 -0.73 22.30 -7.64
CA GLY A 282 -0.12 22.57 -6.35
C GLY A 282 -0.29 21.35 -5.46
N ASP A 283 -0.46 21.58 -4.17
CA ASP A 283 -0.64 20.49 -3.22
C ASP A 283 -2.08 20.02 -3.09
N LYS A 284 -2.92 20.42 -4.03
CA LYS A 284 -4.33 20.04 -4.00
C LYS A 284 -4.50 18.59 -4.41
N VAL A 285 -3.66 18.14 -5.31
CA VAL A 285 -3.73 16.77 -5.81
C VAL A 285 -2.61 15.94 -5.18
N LYS A 286 -2.99 14.81 -4.58
CA LYS A 286 -2.07 13.91 -3.91
C LYS A 286 -1.56 12.81 -4.85
N VAL A 287 -0.25 12.77 -5.06
CA VAL A 287 0.38 11.80 -5.95
C VAL A 287 1.38 10.91 -5.19
N GLY A 288 1.17 9.61 -5.27
CA GLY A 288 2.10 8.69 -4.64
C GLY A 288 3.06 8.35 -5.76
N ALA A 289 4.25 7.89 -5.43
CA ALA A 289 5.18 7.58 -6.49
C ALA A 289 6.12 6.45 -6.20
N GLY A 290 6.91 6.20 -7.23
CA GLY A 290 7.97 5.23 -7.16
C GLY A 290 7.84 3.75 -7.41
N ASN A 291 8.63 3.15 -6.54
CA ASN A 291 8.94 1.76 -6.33
C ASN A 291 10.43 1.85 -6.42
N ILE A 292 10.96 2.16 -5.24
CA ILE A 292 12.39 2.32 -5.03
C ILE A 292 12.77 1.27 -3.99
N VAL A 293 14.06 0.99 -3.86
CA VAL A 293 14.50 -0.03 -2.90
C VAL A 293 15.56 0.45 -1.92
N ASP A 294 16.05 1.67 -2.10
CA ASP A 294 17.08 2.22 -1.21
C ASP A 294 16.84 3.69 -0.86
N GLY A 295 17.57 4.18 0.13
CA GLY A 295 17.42 5.57 0.55
C GLY A 295 17.64 6.62 -0.52
N GLU A 296 18.52 6.31 -1.45
CA GLU A 296 18.85 7.22 -2.54
C GLU A 296 17.62 7.43 -3.43
N GLY A 297 16.88 6.36 -3.69
CA GLY A 297 15.70 6.47 -4.50
C GLY A 297 14.59 7.18 -3.75
N PHE A 298 14.54 6.93 -2.44
CA PHE A 298 13.51 7.55 -1.61
C PHE A 298 13.73 9.06 -1.64
N ARG A 299 14.96 9.45 -1.34
CA ARG A 299 15.39 10.84 -1.28
C ARG A 299 15.03 11.59 -2.57
N TYR A 300 15.34 10.99 -3.71
CA TYR A 300 15.03 11.59 -5.01
C TYR A 300 13.54 11.88 -5.17
N LEU A 301 12.70 10.90 -4.88
CA LEU A 301 11.26 11.08 -5.02
C LEU A 301 10.69 12.01 -3.96
N ALA A 302 11.32 12.04 -2.78
CA ALA A 302 10.89 12.91 -1.70
C ALA A 302 11.07 14.37 -2.17
N ASP A 303 12.24 14.67 -2.71
CA ASP A 303 12.55 16.00 -3.20
C ASP A 303 11.69 16.38 -4.39
N ALA A 304 11.33 15.37 -5.20
CA ALA A 304 10.50 15.61 -6.38
C ALA A 304 9.09 16.07 -5.99
N GLY A 305 8.65 15.74 -4.79
CA GLY A 305 7.34 16.16 -4.33
C GLY A 305 6.30 15.08 -4.05
N ALA A 306 6.69 13.81 -4.09
CA ALA A 306 5.78 12.70 -3.85
C ALA A 306 5.14 12.77 -2.46
N ASP A 307 3.83 12.49 -2.39
CA ASP A 307 3.09 12.52 -1.12
C ASP A 307 3.29 11.27 -0.28
N PHE A 308 3.62 10.16 -0.94
CA PHE A 308 3.93 8.91 -0.26
C PHE A 308 4.81 8.15 -1.26
N ILE A 309 5.63 7.23 -0.76
CA ILE A 309 6.56 6.50 -1.61
C ILE A 309 6.43 4.98 -1.48
N LYS A 310 6.31 4.30 -2.61
CA LYS A 310 6.19 2.85 -2.64
C LYS A 310 7.55 2.16 -2.71
N ILE A 311 7.70 1.12 -1.89
CA ILE A 311 8.96 0.38 -1.79
C ILE A 311 8.75 -1.01 -2.32
N GLY A 312 9.75 -1.50 -3.05
CA GLY A 312 9.65 -2.84 -3.54
C GLY A 312 10.02 -3.10 -4.98
N ILE A 313 11.08 -3.87 -5.15
CA ILE A 313 11.53 -4.31 -6.46
C ILE A 313 12.28 -5.60 -6.14
N GLY A 328 15.34 -5.85 -7.24
CA GLY A 328 16.77 -5.54 -7.01
C GLY A 328 17.20 -5.66 -5.55
N ARG A 329 16.26 -5.94 -4.64
CA ARG A 329 16.59 -6.05 -3.22
C ARG A 329 15.51 -6.80 -2.42
N GLY A 330 15.93 -7.66 -1.48
CA GLY A 330 15.01 -8.40 -0.64
C GLY A 330 14.08 -7.40 0.04
N GLN A 331 12.79 -7.71 0.06
CA GLN A 331 11.80 -6.80 0.63
C GLN A 331 12.04 -6.25 2.03
N ALA A 332 12.51 -7.07 2.96
CA ALA A 332 12.75 -6.63 4.33
C ALA A 332 13.85 -5.59 4.41
N THR A 333 14.96 -5.83 3.74
CA THR A 333 16.09 -4.92 3.76
C THR A 333 15.73 -3.59 3.09
N ALA A 334 14.98 -3.68 2.01
CA ALA A 334 14.54 -2.51 1.25
C ALA A 334 13.75 -1.61 2.21
N VAL A 335 12.77 -2.18 2.90
CA VAL A 335 11.93 -1.44 3.87
C VAL A 335 12.75 -0.80 4.97
N ILE A 336 13.61 -1.60 5.59
CA ILE A 336 14.47 -1.13 6.67
C ILE A 336 15.35 0.04 6.22
N ASP A 337 15.92 -0.04 5.01
CA ASP A 337 16.80 1.02 4.51
C ASP A 337 16.08 2.31 4.12
N VAL A 338 14.94 2.17 3.46
CA VAL A 338 14.15 3.31 3.04
C VAL A 338 13.56 4.02 4.26
N VAL A 339 13.00 3.26 5.19
CA VAL A 339 12.44 3.81 6.41
C VAL A 339 13.51 4.61 7.16
N ALA A 340 14.73 4.10 7.20
CA ALA A 340 15.83 4.80 7.88
C ALA A 340 16.06 6.16 7.22
N GLU A 341 16.00 6.19 5.90
CA GLU A 341 16.22 7.42 5.15
C GLU A 341 15.06 8.36 5.38
N ARG A 342 13.86 7.78 5.43
CA ARG A 342 12.62 8.53 5.65
C ARG A 342 12.68 9.22 7.00
N ASN A 343 13.25 8.54 7.99
CA ASN A 343 13.38 9.10 9.32
C ASN A 343 14.39 10.23 9.33
N LYS A 344 15.48 10.05 8.60
CA LYS A 344 16.52 11.05 8.49
C LYS A 344 15.93 12.29 7.82
N TYR A 345 15.17 12.07 6.75
CA TYR A 345 14.55 13.15 6.01
C TYR A 345 13.58 13.94 6.89
N PHE A 346 12.84 13.24 7.74
CA PHE A 346 11.89 13.90 8.63
C PHE A 346 12.59 14.80 9.64
N GLU A 347 13.72 14.34 10.17
CA GLU A 347 14.50 15.12 11.12
C GLU A 347 15.12 16.32 10.43
N GLU A 348 15.46 16.17 9.16
CA GLU A 348 16.07 17.25 8.41
C GLU A 348 15.09 18.31 7.92
N THR A 349 13.92 17.88 7.46
CA THR A 349 12.95 18.81 6.91
C THR A 349 11.69 19.04 7.72
N GLY A 350 11.39 18.15 8.65
CA GLY A 350 10.17 18.28 9.44
C GLY A 350 8.98 17.72 8.69
N ILE A 351 9.24 17.14 7.52
CA ILE A 351 8.19 16.56 6.69
C ILE A 351 8.25 15.05 6.83
N TYR A 352 7.10 14.44 7.14
CA TYR A 352 7.02 13.01 7.28
C TYR A 352 6.36 12.45 6.03
N ILE A 353 7.05 11.58 5.30
CA ILE A 353 6.49 10.98 4.09
C ILE A 353 6.16 9.51 4.36
N PRO A 354 4.88 9.13 4.28
CA PRO A 354 4.51 7.74 4.52
C PRO A 354 5.04 6.82 3.42
N VAL A 355 5.53 5.65 3.81
CA VAL A 355 6.07 4.68 2.85
C VAL A 355 5.18 3.46 2.79
N CYS A 356 5.12 2.82 1.63
CA CYS A 356 4.27 1.68 1.40
C CYS A 356 5.07 0.47 0.97
N SER A 357 4.92 -0.65 1.67
CA SER A 357 5.64 -1.85 1.28
C SER A 357 4.75 -2.51 0.24
N ASP A 358 5.24 -2.61 -0.97
CA ASP A 358 4.46 -3.21 -2.05
C ASP A 358 4.97 -4.63 -2.36
N GLY A 359 4.14 -5.61 -2.04
CA GLY A 359 4.46 -7.01 -2.30
C GLY A 359 5.50 -7.65 -1.40
N GLY A 360 5.68 -8.96 -1.57
CA GLY A 360 6.64 -9.69 -0.77
C GLY A 360 6.05 -10.28 0.50
N ILE A 361 4.76 -9.98 0.73
CA ILE A 361 4.03 -10.47 1.89
C ILE A 361 3.37 -11.80 1.53
N VAL A 362 3.82 -12.86 2.18
CA VAL A 362 3.30 -14.20 1.93
C VAL A 362 2.35 -14.69 3.05
N TYR A 363 2.44 -14.07 4.23
CA TYR A 363 1.58 -14.47 5.36
C TYR A 363 1.16 -13.26 6.20
N ASP A 364 0.17 -13.43 7.06
CA ASP A 364 -0.31 -12.34 7.91
C ASP A 364 0.80 -11.80 8.81
N TYR A 365 1.64 -12.70 9.29
CA TYR A 365 2.75 -12.33 10.15
C TYR A 365 3.69 -11.35 9.46
N HIS A 366 3.83 -11.50 8.14
CA HIS A 366 4.69 -10.63 7.34
C HIS A 366 4.12 -9.21 7.35
N MET A 367 2.80 -9.12 7.46
CA MET A 367 2.11 -7.84 7.51
C MET A 367 2.59 -7.09 8.76
N THR A 368 2.57 -7.79 9.90
CA THR A 368 3.01 -7.22 11.17
C THR A 368 4.48 -6.82 11.09
N LEU A 369 5.29 -7.67 10.48
CA LEU A 369 6.72 -7.38 10.32
C LEU A 369 6.97 -6.13 9.49
N ALA A 370 6.26 -6.00 8.36
CA ALA A 370 6.44 -4.83 7.50
C ALA A 370 6.14 -3.53 8.25
N LEU A 371 5.03 -3.51 8.98
CA LEU A 371 4.64 -2.34 9.76
C LEU A 371 5.66 -2.05 10.87
N ALA A 372 6.06 -3.09 11.59
CA ALA A 372 7.05 -2.95 12.66
C ALA A 372 8.35 -2.36 12.15
N MET A 373 8.76 -2.77 10.95
CA MET A 373 10.00 -2.26 10.35
C MET A 373 9.89 -0.81 9.90
N GLY A 374 8.68 -0.24 9.96
CA GLY A 374 8.51 1.15 9.59
C GLY A 374 7.58 1.51 8.46
N ALA A 375 7.08 0.52 7.71
CA ALA A 375 6.15 0.83 6.63
C ALA A 375 4.84 1.27 7.28
N ASP A 376 4.24 2.32 6.71
CA ASP A 376 2.97 2.87 7.20
C ASP A 376 1.76 2.05 6.76
N PHE A 377 1.79 1.55 5.53
CA PHE A 377 0.73 0.72 5.02
C PHE A 377 1.32 -0.26 4.00
N ILE A 378 0.53 -1.26 3.61
CA ILE A 378 1.01 -2.29 2.70
C ILE A 378 0.13 -2.40 1.46
N MET A 379 0.75 -2.66 0.31
CA MET A 379 0.00 -2.83 -0.93
C MET A 379 0.05 -4.31 -1.28
N LEU A 380 -1.11 -4.90 -1.55
CA LEU A 380 -1.19 -6.33 -1.86
C LEU A 380 -1.99 -6.61 -3.14
N GLY A 381 -1.51 -7.57 -3.92
CA GLY A 381 -2.18 -7.96 -5.16
C GLY A 381 -2.87 -9.31 -5.02
N ARG A 382 -2.10 -10.39 -5.04
CA ARG A 382 -2.65 -11.73 -4.93
C ARG A 382 -3.64 -11.92 -3.78
N TYR A 383 -3.35 -11.30 -2.64
CA TYR A 383 -4.20 -11.38 -1.45
C TYR A 383 -5.65 -10.98 -1.75
N PHE A 384 -5.83 -9.88 -2.44
CA PHE A 384 -7.16 -9.38 -2.77
C PHE A 384 -7.83 -10.05 -3.98
N ALA A 385 -7.01 -10.60 -4.89
CA ALA A 385 -7.51 -11.27 -6.10
C ALA A 385 -8.30 -12.55 -5.84
N ARG A 386 -8.19 -13.09 -4.62
CA ARG A 386 -8.88 -14.31 -4.20
C ARG A 386 -10.34 -14.04 -3.85
N PHE A 387 -10.65 -12.79 -3.51
CA PHE A 387 -11.99 -12.39 -3.09
C PHE A 387 -13.07 -12.30 -4.15
N GLU A 388 -14.30 -12.40 -3.67
CA GLU A 388 -15.51 -12.33 -4.47
C GLU A 388 -15.55 -11.01 -5.25
N GLU A 389 -14.99 -9.96 -4.66
CA GLU A 389 -14.98 -8.62 -5.23
C GLU A 389 -13.92 -8.28 -6.29
N SER A 390 -12.90 -9.12 -6.46
CA SER A 390 -11.88 -8.84 -7.47
C SER A 390 -12.60 -8.92 -8.83
N PRO A 391 -12.11 -8.18 -9.83
CA PRO A 391 -12.74 -8.20 -11.14
C PRO A 391 -12.67 -9.47 -12.01
N THR A 392 -11.88 -10.44 -11.60
CA THR A 392 -11.71 -11.65 -12.38
C THR A 392 -12.80 -12.73 -12.28
N ARG A 393 -12.70 -13.73 -13.16
CA ARG A 393 -13.67 -14.82 -13.20
C ARG A 393 -13.36 -15.94 -12.23
N LYS A 394 -14.42 -16.52 -11.67
CA LYS A 394 -14.30 -17.64 -10.76
C LYS A 394 -14.27 -18.85 -11.70
N VAL A 395 -13.37 -19.78 -11.42
CA VAL A 395 -13.22 -20.94 -12.28
C VAL A 395 -13.17 -22.20 -11.42
N THR A 396 -14.03 -23.17 -11.72
CA THR A 396 -14.02 -24.41 -10.95
C THR A 396 -13.12 -25.40 -11.67
N ILE A 397 -12.02 -25.75 -11.02
CA ILE A 397 -11.07 -26.69 -11.61
C ILE A 397 -11.08 -27.94 -10.76
N ASN A 398 -11.78 -28.95 -11.28
CA ASN A 398 -11.95 -30.24 -10.63
C ASN A 398 -12.09 -30.20 -9.12
N GLY A 399 -13.19 -29.61 -8.68
CA GLY A 399 -13.48 -29.51 -7.26
C GLY A 399 -13.09 -28.22 -6.58
N SER A 400 -12.01 -27.59 -7.03
CA SER A 400 -11.56 -26.37 -6.42
C SER A 400 -11.97 -25.12 -7.19
N VAL A 401 -12.64 -24.21 -6.51
CA VAL A 401 -13.06 -22.95 -7.12
C VAL A 401 -11.86 -22.00 -7.00
N MET A 402 -11.44 -21.43 -8.12
CA MET A 402 -10.30 -20.53 -8.20
C MET A 402 -10.77 -19.23 -8.80
N LYS A 403 -9.85 -18.26 -8.85
CA LYS A 403 -10.14 -16.98 -9.47
C LYS A 403 -8.95 -16.71 -10.36
N GLU A 404 -9.18 -16.02 -11.47
CA GLU A 404 -8.10 -15.71 -12.40
C GLU A 404 -7.21 -14.61 -11.84
N TYR A 405 -5.92 -14.70 -12.17
CA TYR A 405 -4.94 -13.71 -11.73
C TYR A 405 -3.81 -13.61 -12.76
N TRP A 406 -3.57 -12.41 -13.27
CA TRP A 406 -2.48 -12.23 -14.22
C TRP A 406 -1.75 -10.95 -13.85
N GLY A 407 -0.45 -10.91 -14.15
CA GLY A 407 0.33 -9.73 -13.86
C GLY A 407 0.12 -8.65 -14.89
N GLU A 408 0.44 -7.42 -14.53
CA GLU A 408 0.29 -6.27 -15.42
C GLU A 408 1.21 -6.38 -16.63
N GLY A 409 2.33 -7.07 -16.43
CA GLY A 409 3.27 -7.26 -17.52
C GLY A 409 3.02 -8.59 -18.21
N SER A 410 1.80 -9.11 -18.10
CA SER A 410 1.49 -10.38 -18.76
C SER A 410 1.06 -10.02 -20.15
N SER A 411 0.94 -11.03 -21.01
CA SER A 411 0.51 -10.80 -22.37
C SER A 411 -1.02 -10.74 -22.38
N ARG A 412 -1.58 -10.16 -21.32
CA ARG A 412 -3.02 -10.04 -21.14
C ARG A 412 -3.38 -8.67 -20.53
N GLY A 432 5.17 -11.27 -17.45
CA GLY A 432 4.12 -11.35 -16.39
C GLY A 432 3.40 -12.68 -16.47
N VAL A 433 2.73 -13.07 -15.39
CA VAL A 433 2.02 -14.35 -15.32
C VAL A 433 0.52 -14.25 -15.56
N ASP A 434 -0.09 -15.42 -15.64
CA ASP A 434 -1.52 -15.58 -15.82
C ASP A 434 -1.72 -16.93 -15.17
N SER A 435 -2.44 -16.95 -14.06
CA SER A 435 -2.66 -18.18 -13.32
C SER A 435 -3.96 -18.11 -12.54
N TYR A 436 -3.97 -18.71 -11.36
CA TYR A 436 -5.14 -18.73 -10.50
C TYR A 436 -4.76 -18.63 -9.04
N VAL A 437 -5.66 -18.06 -8.25
CA VAL A 437 -5.47 -17.96 -6.82
C VAL A 437 -6.70 -18.65 -6.25
N PRO A 438 -6.56 -19.31 -5.09
CA PRO A 438 -7.71 -19.98 -4.50
C PRO A 438 -8.79 -18.99 -4.08
N TYR A 439 -10.03 -19.28 -4.41
CA TYR A 439 -11.16 -18.42 -4.06
C TYR A 439 -11.27 -18.43 -2.54
N ALA A 440 -11.46 -17.24 -1.96
CA ALA A 440 -11.54 -17.11 -0.51
C ALA A 440 -12.86 -16.54 0.00
N GLY A 441 -13.74 -16.14 -0.90
CA GLY A 441 -15.01 -15.59 -0.47
C GLY A 441 -14.98 -14.07 -0.49
N LYS A 442 -15.80 -13.46 0.34
CA LYS A 442 -15.90 -12.01 0.42
C LYS A 442 -14.72 -11.38 1.18
N LEU A 443 -14.37 -10.17 0.77
CA LEU A 443 -13.26 -9.44 1.36
C LEU A 443 -13.35 -9.27 2.88
N LYS A 444 -14.49 -8.77 3.33
CA LYS A 444 -14.73 -8.51 4.75
C LYS A 444 -14.24 -9.56 5.73
N ASP A 445 -14.73 -10.78 5.56
CA ASP A 445 -14.39 -11.86 6.46
C ASP A 445 -12.92 -12.21 6.50
N ASN A 446 -12.26 -12.11 5.35
CA ASN A 446 -10.84 -12.44 5.27
C ASN A 446 -9.98 -11.37 5.90
N VAL A 447 -10.23 -10.12 5.52
CA VAL A 447 -9.48 -8.99 6.06
C VAL A 447 -9.57 -8.98 7.59
N GLU A 448 -10.78 -9.20 8.10
CA GLU A 448 -11.04 -9.26 9.52
C GLU A 448 -10.20 -10.35 10.22
N ALA A 449 -10.08 -11.51 9.58
CA ALA A 449 -9.29 -12.60 10.13
C ALA A 449 -7.82 -12.21 10.19
N SER A 450 -7.33 -11.60 9.11
CA SER A 450 -5.95 -11.16 9.02
C SER A 450 -5.61 -10.09 10.05
N LEU A 451 -6.42 -9.03 10.10
CA LEU A 451 -6.18 -7.94 11.03
C LEU A 451 -6.34 -8.32 12.50
N ASN A 452 -7.14 -9.34 12.79
CA ASN A 452 -7.30 -9.79 14.16
C ASN A 452 -5.98 -10.41 14.64
N LYS A 453 -5.33 -11.13 13.74
CA LYS A 453 -4.05 -11.77 14.03
C LYS A 453 -2.93 -10.74 14.16
N VAL A 454 -3.06 -9.64 13.41
CA VAL A 454 -2.07 -8.57 13.47
C VAL A 454 -2.20 -7.85 14.81
N LYS A 455 -3.43 -7.61 15.25
CA LYS A 455 -3.69 -6.94 16.51
C LYS A 455 -3.18 -7.73 17.71
N SER A 456 -3.32 -9.05 17.66
CA SER A 456 -2.85 -9.92 18.74
C SER A 456 -1.32 -9.86 18.79
N THR A 457 -0.68 -9.99 17.63
CA THR A 457 0.78 -9.95 17.59
C THR A 457 1.26 -8.62 18.12
N MET A 458 0.58 -7.55 17.75
CA MET A 458 0.94 -6.21 18.21
C MET A 458 0.93 -6.21 19.74
N CYS A 459 -0.12 -6.78 20.33
CA CYS A 459 -0.18 -6.84 21.78
C CYS A 459 0.91 -7.71 22.39
N ASN A 460 1.38 -8.72 21.67
CA ASN A 460 2.46 -9.56 22.16
C ASN A 460 3.72 -8.71 22.20
N CYS A 461 3.72 -7.65 21.40
CA CYS A 461 4.84 -6.70 21.35
C CYS A 461 4.57 -5.50 22.25
N GLY A 462 3.40 -5.52 22.89
CA GLY A 462 3.02 -4.45 23.78
C GLY A 462 2.76 -3.12 23.09
N ALA A 463 2.05 -3.15 21.96
CA ALA A 463 1.75 -1.93 21.22
C ALA A 463 0.26 -1.83 20.90
N LEU A 464 -0.32 -0.65 21.13
CA LEU A 464 -1.74 -0.42 20.86
C LEU A 464 -1.97 0.33 19.55
N THR A 465 -0.90 0.81 18.94
CA THR A 465 -0.99 1.53 17.68
C THR A 465 0.23 1.16 16.83
N ILE A 466 0.15 1.44 15.53
CA ILE A 466 1.27 1.15 14.64
C ILE A 466 2.53 1.93 15.07
N PRO A 467 2.40 3.23 15.37
CA PRO A 467 3.56 4.01 15.79
C PRO A 467 4.25 3.40 17.02
N GLN A 468 3.48 2.87 17.97
CA GLN A 468 4.07 2.24 19.15
C GLN A 468 4.81 0.97 18.73
N LEU A 469 4.17 0.19 17.84
CA LEU A 469 4.78 -1.04 17.35
C LEU A 469 6.14 -0.74 16.73
N GLN A 470 6.19 0.31 15.91
CA GLN A 470 7.41 0.71 15.23
C GLN A 470 8.55 1.12 16.15
N SER A 471 8.23 1.58 17.35
CA SER A 471 9.30 1.99 18.27
C SER A 471 9.63 0.90 19.29
N LYS A 472 8.65 0.06 19.61
CA LYS A 472 8.80 -1.02 20.57
C LYS A 472 9.25 -2.36 20.02
N ALA A 473 8.96 -2.62 18.74
CA ALA A 473 9.32 -3.90 18.13
C ALA A 473 10.77 -4.34 18.30
N LYS A 474 10.96 -5.59 18.70
CA LYS A 474 12.29 -6.19 18.87
C LYS A 474 12.37 -7.22 17.77
N ILE A 475 13.11 -6.88 16.72
CA ILE A 475 13.22 -7.75 15.56
C ILE A 475 14.53 -8.51 15.44
N THR A 476 14.42 -9.82 15.25
CA THR A 476 15.60 -10.65 15.12
C THR A 476 15.63 -11.41 13.82
N LEU A 477 16.84 -11.68 13.37
CA LEU A 477 17.09 -12.42 12.15
C LEU A 477 17.09 -13.90 12.55
N VAL A 478 16.65 -14.76 11.64
CA VAL A 478 16.55 -16.19 11.88
C VAL A 478 17.57 -16.88 10.98
N SER A 479 18.19 -17.96 11.46
CA SER A 479 19.20 -18.64 10.65
C SER A 479 18.60 -19.45 9.50
N SER A 480 19.33 -19.54 8.41
CA SER A 480 18.93 -20.27 7.22
C SER A 480 18.41 -21.66 7.54
N VAL A 481 19.13 -22.36 8.41
CA VAL A 481 18.77 -23.71 8.81
C VAL A 481 17.44 -23.70 9.59
N SER A 482 17.18 -22.66 10.36
CA SER A 482 15.95 -22.57 11.12
C SER A 482 14.75 -22.49 10.21
N ILE A 483 14.97 -22.13 8.95
CA ILE A 483 13.91 -22.01 7.97
C ILE A 483 13.92 -23.24 7.04
#